data_5XN9
#
_entry.id   5XN9
#
_cell.length_a   53.866
_cell.length_b   57.505
_cell.length_c   111.723
_cell.angle_alpha   90.00
_cell.angle_beta   90.00
_cell.angle_gamma   90.00
#
_symmetry.space_group_name_H-M   'P 21 21 21'
#
loop_
_entity.id
_entity.type
_entity.pdbx_description
1 polymer SAHS1
2 non-polymer 'MAGNESIUM ION'
3 non-polymer 'ZINC ION'
4 non-polymer 'CHLORIDE ION'
5 non-polymer 1,2-ETHANEDIOL
6 non-polymer 'ACETIC ACID'
7 water water
#
_entity_poly.entity_id   1
_entity_poly.type   'polypeptide(L)'
_entity_poly.pdbx_seq_one_letter_code
;SEWTGKSWMGKWESTDRIENFDAFISALGLPLEQYGGNHKTFHKIWKEGDHYHHQISVPDKNYKNDVNFKLNEEGTTQHN
NTEIKYKYTEDGGNLKAEVHVPSRNKVIHDEYKVNGDELEKTYKVGDVTAKRWYKKSS
;
_entity_poly.pdbx_strand_id   A,B
#
# COMPACT_ATOMS: atom_id res chain seq x y z
N SER A 1 -18.51 -7.33 -22.75
N SER A 1 -18.74 -7.38 -22.75
CA SER A 1 -18.30 -7.62 -21.34
CA SER A 1 -18.37 -7.72 -21.38
C SER A 1 -17.78 -9.04 -21.11
C SER A 1 -17.62 -9.04 -21.29
N GLU A 2 -16.71 -9.13 -20.33
CA GLU A 2 -16.10 -10.39 -19.95
C GLU A 2 -16.20 -10.51 -18.44
N TRP A 3 -16.66 -11.67 -17.95
CA TRP A 3 -16.83 -11.87 -16.53
C TRP A 3 -15.82 -12.83 -15.92
N THR A 4 -14.92 -13.38 -16.74
CA THR A 4 -13.86 -14.26 -16.26
C THR A 4 -12.53 -13.81 -16.87
N GLY A 5 -11.44 -14.36 -16.36
CA GLY A 5 -10.11 -13.99 -16.81
C GLY A 5 -9.16 -13.70 -15.68
N LYS A 6 -9.71 -13.14 -14.60
CA LYS A 6 -9.00 -12.87 -13.36
C LYS A 6 -9.85 -13.40 -12.22
N SER A 7 -9.20 -13.86 -11.15
CA SER A 7 -9.95 -14.49 -10.07
C SER A 7 -10.89 -13.52 -9.39
N TRP A 8 -10.55 -12.23 -9.36
CA TRP A 8 -11.36 -11.22 -8.69
C TRP A 8 -12.51 -10.70 -9.54
N MET A 9 -12.59 -11.08 -10.82
CA MET A 9 -13.74 -10.71 -11.61
C MET A 9 -14.95 -11.54 -11.19
N GLY A 10 -16.12 -10.92 -11.26
CA GLY A 10 -17.35 -11.61 -10.97
C GLY A 10 -18.28 -10.76 -10.15
N LYS A 11 -19.31 -11.40 -9.61
CA LYS A 11 -20.33 -10.76 -8.79
C LYS A 11 -20.19 -11.30 -7.38
N TRP A 12 -19.90 -10.40 -6.44
CA TRP A 12 -19.58 -10.77 -5.06
C TRP A 12 -20.57 -10.13 -4.12
N GLU A 13 -20.95 -10.87 -3.07
CA GLU A 13 -21.94 -10.40 -2.11
C GLU A 13 -21.39 -10.58 -0.70
N SER A 14 -21.60 -9.59 0.16
CA SER A 14 -21.06 -9.65 1.52
C SER A 14 -21.71 -10.76 2.33
N THR A 15 -20.96 -11.26 3.32
CA THR A 15 -21.43 -12.31 4.21
C THR A 15 -21.55 -11.75 5.62
N ASP A 16 -21.75 -12.64 6.59
N ASP A 16 -21.77 -12.65 6.58
CA ASP A 16 -21.76 -12.25 7.99
CA ASP A 16 -21.83 -12.26 7.98
C ASP A 16 -20.37 -12.07 8.56
C ASP A 16 -20.44 -12.10 8.59
N ARG A 17 -19.33 -12.49 7.84
N ARG A 17 -19.39 -12.48 7.87
CA ARG A 17 -17.97 -12.44 8.35
CA ARG A 17 -18.03 -12.42 8.38
C ARG A 17 -17.37 -11.06 8.11
C ARG A 17 -17.43 -11.04 8.12
N ILE A 18 -16.96 -10.41 9.19
CA ILE A 18 -16.41 -9.06 9.13
C ILE A 18 -15.53 -8.91 10.36
N GLU A 19 -14.47 -8.12 10.24
CA GLU A 19 -13.49 -8.01 11.32
C GLU A 19 -12.96 -6.60 11.40
N ASN A 20 -13.13 -5.98 12.57
CA ASN A 20 -12.53 -4.69 12.90
C ASN A 20 -13.01 -3.56 12.00
N PHE A 21 -14.18 -3.71 11.39
CA PHE A 21 -14.62 -2.73 10.41
C PHE A 21 -14.99 -1.41 11.04
N ASP A 22 -15.52 -1.42 12.27
CA ASP A 22 -15.85 -0.15 12.93
C ASP A 22 -14.59 0.67 13.21
N ALA A 23 -13.50 0.00 13.61
CA ALA A 23 -12.25 0.71 13.83
C ALA A 23 -11.73 1.34 12.54
N PHE A 24 -11.91 0.65 11.41
CA PHE A 24 -11.53 1.22 10.13
C PHE A 24 -12.39 2.42 9.79
N ILE A 25 -13.70 2.29 9.92
CA ILE A 25 -14.60 3.40 9.65
C ILE A 25 -14.29 4.59 10.55
N SER A 26 -14.06 4.34 11.85
CA SER A 26 -13.71 5.42 12.76
C SER A 26 -12.39 6.09 12.36
N ALA A 27 -11.42 5.30 11.93
CA ALA A 27 -10.13 5.86 11.54
C ALA A 27 -10.22 6.72 10.29
N LEU A 28 -11.23 6.50 9.45
CA LEU A 28 -11.49 7.38 8.32
C LEU A 28 -12.17 8.68 8.73
N GLY A 29 -12.65 8.78 9.98
CA GLY A 29 -13.39 9.93 10.41
C GLY A 29 -14.86 9.91 10.08
N LEU A 30 -15.42 8.73 9.67
CA LEU A 30 -16.81 8.56 9.28
C LEU A 30 -17.65 8.17 10.49
N PRO A 31 -18.89 8.64 10.58
CA PRO A 31 -19.74 8.29 11.73
C PRO A 31 -20.23 6.85 11.63
N LEU A 32 -20.11 6.11 12.74
CA LEU A 32 -20.58 4.74 12.76
C LEU A 32 -22.09 4.66 12.61
N GLU A 33 -22.81 5.70 13.03
CA GLU A 33 -24.26 5.69 12.97
C GLU A 33 -24.76 5.46 11.54
N GLN A 34 -23.98 5.89 10.54
CA GLN A 34 -24.38 5.75 9.15
C GLN A 34 -23.46 4.89 8.32
N TYR A 35 -22.27 4.55 8.81
CA TYR A 35 -21.32 3.79 8.00
C TYR A 35 -20.83 2.51 8.66
N GLY A 36 -21.14 2.29 9.93
CA GLY A 36 -20.72 1.08 10.61
C GLY A 36 -21.67 -0.07 10.32
N GLY A 37 -21.49 -1.13 11.08
CA GLY A 37 -22.32 -2.30 10.91
C GLY A 37 -21.89 -3.13 9.71
N ASN A 38 -22.81 -3.99 9.28
CA ASN A 38 -22.53 -4.95 8.23
C ASN A 38 -23.73 -5.01 7.29
N HIS A 39 -23.91 -3.96 6.51
CA HIS A 39 -25.02 -3.91 5.56
C HIS A 39 -24.65 -4.64 4.28
N LYS A 40 -25.64 -5.31 3.70
CA LYS A 40 -25.43 -6.10 2.49
C LYS A 40 -24.81 -5.25 1.39
N THR A 41 -23.67 -5.71 0.89
CA THR A 41 -22.86 -4.96 -0.05
C THR A 41 -22.50 -5.88 -1.20
N PHE A 42 -22.54 -5.34 -2.42
CA PHE A 42 -22.20 -6.08 -3.62
C PHE A 42 -21.05 -5.39 -4.33
N HIS A 43 -20.09 -6.19 -4.78
CA HIS A 43 -19.02 -5.75 -5.67
C HIS A 43 -19.14 -6.56 -6.95
N LYS A 44 -19.27 -5.88 -8.08
N LYS A 44 -19.28 -5.87 -8.08
CA LYS A 44 -19.32 -6.51 -9.39
CA LYS A 44 -19.31 -6.51 -9.38
C LYS A 44 -18.17 -5.94 -10.22
C LYS A 44 -18.15 -5.94 -10.20
N ILE A 45 -17.28 -6.82 -10.67
CA ILE A 45 -16.09 -6.40 -11.40
C ILE A 45 -16.03 -7.18 -12.70
N TRP A 46 -16.00 -6.47 -13.83
CA TRP A 46 -15.98 -7.10 -15.14
C TRP A 46 -15.15 -6.26 -16.09
N LYS A 47 -14.81 -6.86 -17.21
CA LYS A 47 -13.95 -6.22 -18.20
C LYS A 47 -14.77 -5.80 -19.41
N GLU A 48 -14.41 -4.64 -19.96
CA GLU A 48 -15.06 -4.07 -21.16
C GLU A 48 -13.97 -3.63 -22.12
N GLY A 49 -13.46 -4.56 -22.90
CA GLY A 49 -12.44 -4.26 -23.87
C GLY A 49 -11.14 -3.80 -23.24
N ASP A 50 -10.94 -2.49 -23.21
CA ASP A 50 -9.68 -1.89 -22.77
C ASP A 50 -9.76 -1.34 -21.36
N HIS A 51 -10.81 -1.65 -20.61
CA HIS A 51 -10.94 -1.13 -19.25
C HIS A 51 -11.83 -2.09 -18.46
N TYR A 52 -11.86 -1.87 -17.16
CA TYR A 52 -12.70 -2.62 -16.25
C TYR A 52 -13.75 -1.72 -15.66
N HIS A 53 -14.87 -2.32 -15.26
N HIS A 53 -14.86 -2.34 -15.25
CA HIS A 53 -15.84 -1.66 -14.40
CA HIS A 53 -15.87 -1.70 -14.42
C HIS A 53 -15.88 -2.35 -13.05
C HIS A 53 -15.85 -2.35 -13.05
N HIS A 54 -16.07 -1.54 -12.02
CA HIS A 54 -16.20 -2.02 -10.65
C HIS A 54 -17.43 -1.30 -10.10
N GLN A 55 -18.52 -2.03 -9.93
CA GLN A 55 -19.74 -1.45 -9.41
C GLN A 55 -19.88 -1.87 -7.96
N ILE A 56 -19.99 -0.87 -7.08
N ILE A 56 -20.03 -0.87 -7.07
CA ILE A 56 -20.23 -1.08 -5.66
CA ILE A 56 -20.22 -1.11 -5.65
C ILE A 56 -21.68 -0.71 -5.40
C ILE A 56 -21.63 -0.67 -5.30
N SER A 57 -22.41 -1.56 -4.68
CA SER A 57 -23.76 -1.23 -4.30
C SER A 57 -24.05 -1.63 -2.86
N VAL A 58 -24.73 -0.75 -2.14
CA VAL A 58 -25.24 -1.04 -0.80
C VAL A 58 -26.72 -0.67 -0.82
N PRO A 59 -27.61 -1.61 -1.16
CA PRO A 59 -29.01 -1.23 -1.38
C PRO A 59 -29.69 -0.61 -0.18
N ASP A 60 -29.40 -1.08 1.05
CA ASP A 60 -30.03 -0.50 2.24
C ASP A 60 -29.75 0.99 2.32
N LYS A 61 -28.60 1.43 1.81
N LYS A 61 -28.59 1.42 1.81
CA LYS A 61 -28.18 2.81 1.89
CA LYS A 61 -28.12 2.79 1.89
C LYS A 61 -28.29 3.53 0.56
C LYS A 61 -28.32 3.55 0.57
N ASN A 62 -29.04 2.96 -0.39
CA ASN A 62 -29.35 3.63 -1.65
C ASN A 62 -28.08 4.08 -2.35
N TYR A 63 -27.05 3.26 -2.28
CA TYR A 63 -25.74 3.59 -2.80
C TYR A 63 -25.40 2.70 -3.97
N LYS A 64 -24.98 3.31 -5.07
CA LYS A 64 -24.50 2.56 -6.22
C LYS A 64 -23.49 3.44 -6.93
N ASN A 65 -22.30 2.91 -7.16
CA ASN A 65 -21.26 3.67 -7.84
C ASN A 65 -20.58 2.75 -8.84
N ASP A 66 -20.45 3.21 -10.07
CA ASP A 66 -19.79 2.48 -11.14
C ASP A 66 -18.45 3.16 -11.38
N VAL A 67 -17.37 2.45 -11.05
CA VAL A 67 -16.01 2.94 -11.20
C VAL A 67 -15.42 2.31 -12.47
N ASN A 68 -14.90 3.14 -13.36
N ASN A 68 -14.92 3.16 -13.36
CA ASN A 68 -14.23 2.68 -14.57
CA ASN A 68 -14.21 2.73 -14.56
C ASN A 68 -12.73 2.81 -14.35
C ASN A 68 -12.73 2.78 -14.22
N PHE A 69 -12.00 1.69 -14.48
CA PHE A 69 -10.57 1.71 -14.23
C PHE A 69 -9.80 0.96 -15.30
N LYS A 70 -8.58 1.42 -15.53
CA LYS A 70 -7.57 0.65 -16.24
C LYS A 70 -6.47 0.30 -15.24
N LEU A 71 -5.97 -0.93 -15.32
CA LEU A 71 -4.89 -1.31 -14.41
C LEU A 71 -3.70 -0.37 -14.58
N ASN A 72 -3.14 0.09 -13.46
N ASN A 72 -3.17 0.07 -13.44
CA ASN A 72 -1.95 0.93 -13.44
CA ASN A 72 -2.01 0.96 -13.33
C ASN A 72 -2.21 2.38 -13.83
C ASN A 72 -2.22 2.29 -14.05
N GLU A 73 -3.46 2.80 -14.03
CA GLU A 73 -3.76 4.15 -14.49
C GLU A 73 -4.65 4.84 -13.47
N GLU A 74 -4.27 6.06 -13.09
N GLU A 74 -4.29 6.08 -13.11
CA GLU A 74 -5.04 6.81 -12.12
CA GLU A 74 -5.01 6.80 -12.07
C GLU A 74 -6.44 7.08 -12.65
C GLU A 74 -6.37 7.29 -12.57
N GLY A 75 -7.40 7.14 -11.72
CA GLY A 75 -8.73 7.60 -12.04
C GLY A 75 -9.29 8.38 -10.86
N THR A 76 -10.45 8.98 -11.08
CA THR A 76 -11.10 9.75 -10.03
C THR A 76 -12.58 9.40 -9.96
N THR A 77 -13.11 9.50 -8.76
CA THR A 77 -14.54 9.38 -8.52
C THR A 77 -14.92 10.38 -7.43
N GLN A 78 -16.20 10.43 -7.10
CA GLN A 78 -16.66 11.33 -6.05
C GLN A 78 -17.59 10.55 -5.13
N HIS A 79 -17.53 10.88 -3.85
CA HIS A 79 -18.56 10.47 -2.89
C HIS A 79 -19.14 11.74 -2.29
N ASN A 80 -20.45 11.94 -2.49
CA ASN A 80 -21.07 13.24 -2.23
C ASN A 80 -20.27 14.32 -2.94
N ASN A 81 -19.53 15.15 -2.21
CA ASN A 81 -18.46 15.92 -2.86
C ASN A 81 -17.17 15.82 -2.04
N THR A 82 -16.78 14.58 -1.80
CA THR A 82 -15.40 14.27 -1.47
C THR A 82 -14.80 13.64 -2.72
N GLU A 83 -13.78 14.28 -3.28
CA GLU A 83 -13.11 13.70 -4.43
C GLU A 83 -12.21 12.55 -3.97
N ILE A 84 -12.19 11.49 -4.77
CA ILE A 84 -11.46 10.27 -4.45
C ILE A 84 -10.57 9.94 -5.64
N LYS A 85 -9.26 9.88 -5.43
CA LYS A 85 -8.34 9.43 -6.45
C LYS A 85 -8.00 7.96 -6.20
N TYR A 86 -7.94 7.17 -7.28
CA TYR A 86 -7.65 5.75 -7.10
C TYR A 86 -6.70 5.27 -8.20
N LYS A 87 -6.02 4.18 -7.89
CA LYS A 87 -5.28 3.45 -8.92
C LYS A 87 -5.32 1.98 -8.55
N TYR A 88 -5.86 1.16 -9.44
CA TYR A 88 -5.90 -0.28 -9.24
C TYR A 88 -4.67 -0.91 -9.89
N THR A 89 -4.08 -1.89 -9.19
CA THR A 89 -2.98 -2.67 -9.71
C THR A 89 -3.21 -4.13 -9.35
N GLU A 90 -2.53 -5.02 -10.08
CA GLU A 90 -2.51 -6.43 -9.75
C GLU A 90 -1.28 -6.76 -8.93
N ASP A 91 -1.46 -7.58 -7.90
N ASP A 91 -1.42 -7.73 -8.03
CA ASP A 91 -0.36 -8.14 -7.13
CA ASP A 91 -0.27 -8.28 -7.31
C ASP A 91 -0.48 -9.64 -7.39
C ASP A 91 -0.58 -9.73 -6.94
N GLY A 92 0.21 -10.09 -8.43
N GLY A 92 0.05 -10.67 -7.64
CA GLY A 92 0.00 -11.44 -8.91
CA GLY A 92 -0.07 -12.08 -7.34
C GLY A 92 -1.46 -11.62 -9.27
C GLY A 92 -1.47 -12.66 -7.41
N GLY A 93 -2.11 -12.53 -8.57
CA GLY A 93 -3.50 -12.90 -8.77
C GLY A 93 -4.52 -12.07 -8.02
N ASN A 94 -4.08 -11.12 -7.20
CA ASN A 94 -4.98 -10.29 -6.41
C ASN A 94 -5.05 -8.87 -6.98
N LEU A 95 -6.09 -8.15 -6.57
CA LEU A 95 -6.35 -6.80 -7.02
C LEU A 95 -6.15 -5.86 -5.85
N LYS A 96 -5.43 -4.75 -6.07
CA LYS A 96 -5.22 -3.75 -5.05
C LYS A 96 -5.63 -2.39 -5.58
N ALA A 97 -6.19 -1.56 -4.71
CA ALA A 97 -6.48 -0.17 -5.05
C ALA A 97 -5.77 0.74 -4.05
N GLU A 98 -5.08 1.74 -4.59
CA GLU A 98 -4.47 2.82 -3.81
C GLU A 98 -5.39 4.03 -3.90
N VAL A 99 -5.90 4.49 -2.76
CA VAL A 99 -6.94 5.51 -2.73
C VAL A 99 -6.44 6.74 -1.98
N HIS A 100 -6.48 7.91 -2.62
CA HIS A 100 -6.20 9.17 -1.94
C HIS A 100 -7.51 9.88 -1.70
N VAL A 101 -7.69 10.40 -0.50
CA VAL A 101 -8.78 11.33 -0.22
C VAL A 101 -8.15 12.67 0.17
N PRO A 102 -7.81 13.51 -0.80
CA PRO A 102 -6.95 14.67 -0.49
C PRO A 102 -7.56 15.66 0.47
N SER A 103 -8.88 15.84 0.42
CA SER A 103 -9.53 16.80 1.30
C SER A 103 -9.34 16.44 2.76
N ARG A 104 -9.17 15.15 3.05
CA ARG A 104 -9.05 14.67 4.42
C ARG A 104 -7.66 14.17 4.75
N ASN A 105 -6.71 14.32 3.83
CA ASN A 105 -5.35 13.83 4.04
C ASN A 105 -5.34 12.35 4.45
N LYS A 106 -6.11 11.54 3.72
CA LYS A 106 -6.15 10.11 3.97
C LYS A 106 -5.66 9.34 2.75
N VAL A 107 -4.93 8.26 3.02
CA VAL A 107 -4.55 7.26 2.03
C VAL A 107 -5.11 5.93 2.48
N ILE A 108 -5.84 5.26 1.60
CA ILE A 108 -6.52 4.02 1.91
C ILE A 108 -6.00 2.93 0.99
N HIS A 109 -5.74 1.75 1.57
N HIS A 109 -5.82 1.72 1.54
CA HIS A 109 -5.40 0.56 0.79
CA HIS A 109 -5.37 0.57 0.76
C HIS A 109 -6.61 -0.37 0.78
C HIS A 109 -6.47 -0.50 0.76
N ASP A 110 -6.98 -0.82 -0.42
CA ASP A 110 -7.98 -1.86 -0.59
C ASP A 110 -7.29 -3.04 -1.24
N GLU A 111 -7.66 -4.26 -0.83
N GLU A 111 -7.59 -4.24 -0.77
CA GLU A 111 -7.04 -5.46 -1.38
CA GLU A 111 -7.09 -5.45 -1.40
C GLU A 111 -8.09 -6.55 -1.53
C GLU A 111 -8.25 -6.41 -1.61
N TYR A 112 -8.23 -7.09 -2.75
CA TYR A 112 -9.21 -8.11 -3.08
C TYR A 112 -8.47 -9.41 -3.33
N LYS A 113 -8.70 -10.40 -2.47
CA LYS A 113 -7.96 -11.65 -2.51
C LYS A 113 -8.95 -12.80 -2.53
N VAL A 114 -8.92 -13.60 -3.60
CA VAL A 114 -9.90 -14.65 -3.82
C VAL A 114 -9.26 -15.97 -3.40
N ASN A 115 -9.81 -16.57 -2.35
CA ASN A 115 -9.34 -17.84 -1.81
C ASN A 115 -9.99 -19.03 -2.49
N GLY A 116 -10.75 -18.80 -3.56
CA GLY A 116 -11.57 -19.82 -4.16
C GLY A 116 -12.98 -19.75 -3.61
N ASP A 117 -13.97 -19.53 -4.49
CA ASP A 117 -15.36 -19.37 -4.11
C ASP A 117 -15.62 -18.11 -3.28
N GLU A 118 -14.62 -17.67 -2.52
CA GLU A 118 -14.75 -16.61 -1.55
C GLU A 118 -13.77 -15.49 -1.85
N LEU A 119 -14.17 -14.26 -1.57
CA LEU A 119 -13.30 -13.10 -1.75
C LEU A 119 -13.10 -12.43 -0.41
N GLU A 120 -11.84 -12.26 -0.02
N GLU A 120 -11.84 -12.22 -0.05
CA GLU A 120 -11.50 -11.52 1.19
CA GLU A 120 -11.49 -11.53 1.19
C GLU A 120 -11.08 -10.11 0.79
C GLU A 120 -11.04 -10.11 0.84
N LYS A 121 -11.74 -9.11 1.37
CA LYS A 121 -11.38 -7.72 1.15
C LYS A 121 -10.72 -7.17 2.40
N THR A 122 -9.55 -6.58 2.23
CA THR A 122 -8.81 -5.97 3.32
C THR A 122 -8.79 -4.47 3.11
N TYR A 123 -9.07 -3.73 4.18
CA TYR A 123 -9.15 -2.27 4.15
C TYR A 123 -8.11 -1.78 5.14
N LYS A 124 -7.23 -0.89 4.71
CA LYS A 124 -6.21 -0.37 5.62
C LYS A 124 -6.12 1.14 5.49
N VAL A 125 -6.02 1.82 6.63
CA VAL A 125 -5.69 3.24 6.64
C VAL A 125 -4.70 3.45 7.78
N GLY A 126 -3.48 3.86 7.44
CA GLY A 126 -2.43 3.88 8.46
C GLY A 126 -2.24 2.50 9.05
N ASP A 127 -2.25 2.42 10.38
N ASP A 127 -2.33 2.44 10.38
CA ASP A 127 -2.02 1.17 11.09
CA ASP A 127 -2.08 1.21 11.13
C ASP A 127 -3.29 0.40 11.43
C ASP A 127 -3.29 0.28 11.13
N VAL A 128 -4.42 0.77 10.83
N VAL A 128 -4.50 0.82 11.08
CA VAL A 128 -5.71 0.17 11.15
CA VAL A 128 -5.69 0.03 11.35
C VAL A 128 -6.14 -0.71 9.98
C VAL A 128 -6.13 -0.70 10.09
N THR A 129 -6.37 -2.00 10.25
CA THR A 129 -6.75 -2.92 9.19
C THR A 129 -8.10 -3.54 9.52
N ALA A 130 -8.97 -3.61 8.51
CA ALA A 130 -10.23 -4.33 8.64
C ALA A 130 -10.35 -5.34 7.50
N LYS A 131 -11.23 -6.33 7.69
CA LYS A 131 -11.44 -7.34 6.68
C LYS A 131 -12.92 -7.63 6.56
N ARG A 132 -13.31 -8.00 5.35
CA ARG A 132 -14.69 -8.39 5.09
C ARG A 132 -14.66 -9.50 4.07
N TRP A 133 -15.52 -10.51 4.25
CA TRP A 133 -15.54 -11.67 3.36
C TRP A 133 -16.79 -11.65 2.50
N TYR A 134 -16.61 -11.99 1.23
CA TYR A 134 -17.68 -11.99 0.24
C TYR A 134 -17.77 -13.38 -0.40
N LYS A 135 -18.96 -13.73 -0.87
CA LYS A 135 -19.19 -14.96 -1.61
C LYS A 135 -19.68 -14.63 -3.01
N LYS A 136 -19.49 -15.57 -3.94
CA LYS A 136 -20.05 -15.41 -5.28
C LYS A 136 -21.58 -15.34 -5.20
N SER A 137 -22.16 -14.44 -6.00
CA SER A 137 -23.60 -14.24 -5.94
C SER A 137 -24.36 -15.41 -6.55
N SER A 138 -25.52 -15.70 -5.97
CA SER A 138 -26.39 -16.83 -6.34
C SER A 138 -25.70 -18.19 -6.27
N SER B 1 19.74 7.29 23.23
CA SER B 1 19.68 6.31 22.13
C SER B 1 19.53 4.89 22.61
N GLU B 2 18.73 4.11 21.87
CA GLU B 2 18.58 2.67 22.11
C GLU B 2 18.76 1.97 20.77
N TRP B 3 19.57 0.92 20.74
CA TRP B 3 19.85 0.20 19.52
C TRP B 3 19.19 -1.17 19.45
N THR B 4 18.54 -1.61 20.51
CA THR B 4 17.83 -2.88 20.50
C THR B 4 16.36 -2.64 20.82
N GLY B 5 15.55 -3.66 20.51
CA GLY B 5 14.15 -3.60 20.87
C GLY B 5 13.24 -4.09 19.76
N LYS B 6 13.68 -3.89 18.52
CA LYS B 6 12.96 -4.37 17.35
C LYS B 6 13.96 -5.06 16.42
N SER B 7 13.48 -6.08 15.72
CA SER B 7 14.36 -6.84 14.83
C SER B 7 14.92 -5.99 13.71
N TRP B 8 14.20 -4.95 13.31
CA TRP B 8 14.62 -4.10 12.21
C TRP B 8 15.55 -2.97 12.64
N MET B 9 15.74 -2.76 13.94
CA MET B 9 16.74 -1.81 14.39
C MET B 9 18.15 -2.37 14.15
N GLY B 10 19.11 -1.46 14.05
CA GLY B 10 20.49 -1.84 13.89
C GLY B 10 21.12 -1.17 12.69
N LYS B 11 22.31 -1.66 12.33
CA LYS B 11 23.09 -1.13 11.21
C LYS B 11 23.13 -2.19 10.13
N TRP B 12 22.54 -1.87 8.97
CA TRP B 12 22.39 -2.80 7.86
C TRP B 12 23.19 -2.32 6.66
N GLU B 13 23.83 -3.26 5.96
CA GLU B 13 24.69 -2.97 4.82
C GLU B 13 24.23 -3.78 3.62
N SER B 14 24.13 -3.13 2.46
CA SER B 14 23.64 -3.80 1.27
C SER B 14 24.62 -4.89 0.81
N THR B 15 24.08 -5.90 0.13
CA THR B 15 24.86 -6.99 -0.43
C THR B 15 24.75 -6.97 -1.95
N ASP B 16 25.39 -7.95 -2.61
CA ASP B 16 25.27 -8.06 -4.05
C ASP B 16 23.93 -8.60 -4.50
N ARG B 17 23.10 -9.09 -3.57
CA ARG B 17 21.83 -9.70 -3.95
C ARG B 17 20.79 -8.61 -4.16
N ILE B 18 20.24 -8.56 -5.37
CA ILE B 18 19.40 -7.45 -5.79
C ILE B 18 18.53 -7.95 -6.92
N GLU B 19 17.29 -7.49 -6.98
N GLU B 19 17.31 -7.45 -6.99
CA GLU B 19 16.36 -7.95 -8.01
CA GLU B 19 16.32 -7.93 -7.96
C GLU B 19 15.53 -6.78 -8.49
C GLU B 19 15.55 -6.73 -8.49
N ASN B 20 15.67 -6.47 -9.79
CA ASN B 20 14.79 -5.53 -10.51
C ASN B 20 14.93 -4.08 -10.06
N PHE B 21 16.07 -3.71 -9.48
CA PHE B 21 16.16 -2.38 -8.90
C PHE B 21 16.23 -1.28 -9.96
N ASP B 22 16.85 -1.55 -11.11
CA ASP B 22 16.88 -0.53 -12.16
C ASP B 22 15.48 -0.23 -12.68
N ALA B 23 14.63 -1.25 -12.80
CA ALA B 23 13.24 -1.01 -13.21
C ALA B 23 12.52 -0.14 -12.19
N PHE B 24 12.80 -0.36 -10.91
CA PHE B 24 12.22 0.47 -9.86
C PHE B 24 12.66 1.93 -10.00
N ILE B 25 13.96 2.16 -10.17
CA ILE B 25 14.48 3.51 -10.35
C ILE B 25 13.87 4.17 -11.57
N SER B 26 13.80 3.45 -12.68
CA SER B 26 13.21 4.03 -13.89
C SER B 26 11.74 4.35 -13.68
N ALA B 27 11.03 3.50 -12.93
CA ALA B 27 9.63 3.75 -12.64
C ALA B 27 9.43 4.97 -11.75
N LEU B 28 10.46 5.40 -11.03
CA LEU B 28 10.41 6.65 -10.29
C LEU B 28 10.69 7.87 -11.17
N GLY B 29 11.02 7.66 -12.45
CA GLY B 29 11.38 8.75 -13.33
C GLY B 29 12.76 9.29 -13.11
N LEU B 30 13.64 8.52 -12.49
CA LEU B 30 14.99 8.97 -12.16
C LEU B 30 16.00 8.40 -13.15
N PRO B 31 17.06 9.17 -13.43
CA PRO B 31 18.05 8.72 -14.41
C PRO B 31 18.89 7.57 -13.88
N LEU B 32 18.99 6.50 -14.68
CA LEU B 32 19.77 5.35 -14.27
C LEU B 32 21.24 5.71 -14.11
N GLU B 33 21.74 6.64 -14.93
CA GLU B 33 23.16 6.99 -14.87
C GLU B 33 23.54 7.58 -13.51
N GLN B 34 22.60 8.19 -12.81
CA GLN B 34 22.86 8.77 -11.50
C GLN B 34 22.30 7.97 -10.33
N TYR B 35 21.22 7.22 -10.54
CA TYR B 35 20.55 6.52 -9.44
C TYR B 35 20.54 5.00 -9.59
N GLY B 36 21.01 4.47 -10.71
CA GLY B 36 20.93 3.05 -10.97
C GLY B 36 22.06 2.26 -10.34
N GLY B 37 22.11 0.98 -10.69
CA GLY B 37 23.16 0.11 -10.23
C GLY B 37 22.93 -0.44 -8.83
N ASN B 38 24.00 -0.96 -8.25
CA ASN B 38 23.98 -1.52 -6.91
C ASN B 38 25.10 -0.85 -6.12
N HIS B 39 24.85 0.36 -5.64
CA HIS B 39 25.83 1.07 -4.84
C HIS B 39 25.66 0.71 -3.37
N LYS B 40 26.78 0.57 -2.68
CA LYS B 40 26.80 0.24 -1.26
C LYS B 40 25.91 1.21 -0.49
N THR B 41 24.90 0.67 0.18
CA THR B 41 23.90 1.45 0.88
C THR B 41 23.81 0.96 2.31
N PHE B 42 23.70 1.89 3.26
CA PHE B 42 23.54 1.56 4.67
C PHE B 42 22.22 2.10 5.18
N HIS B 43 21.54 1.29 5.99
CA HIS B 43 20.36 1.71 6.74
C HIS B 43 20.68 1.53 8.21
N LYS B 44 20.63 2.61 8.96
CA LYS B 44 20.83 2.56 10.40
C LYS B 44 19.55 3.04 11.06
N ILE B 45 18.95 2.18 11.88
CA ILE B 45 17.68 2.48 12.53
C ILE B 45 17.84 2.30 14.03
N TRP B 46 17.53 3.34 14.79
CA TRP B 46 17.65 3.29 16.24
C TRP B 46 16.54 4.11 16.87
N LYS B 47 16.39 3.99 18.18
CA LYS B 47 15.31 4.65 18.89
C LYS B 47 15.88 5.82 19.71
N GLU B 48 15.12 6.90 19.77
CA GLU B 48 15.46 8.06 20.61
C GLU B 48 14.20 8.45 21.36
N GLY B 49 14.11 8.06 22.63
CA GLY B 49 12.97 8.41 23.44
C GLY B 49 11.68 7.88 22.84
N ASP B 50 10.86 8.80 22.33
CA ASP B 50 9.52 8.52 21.84
C ASP B 50 9.46 8.35 20.33
N HIS B 51 10.60 8.28 19.66
CA HIS B 51 10.60 8.23 18.20
C HIS B 51 11.82 7.43 17.75
N TYR B 52 11.91 7.23 16.43
CA TYR B 52 13.00 6.49 15.82
C TYR B 52 13.74 7.39 14.83
N HIS B 53 14.99 7.03 14.58
CA HIS B 53 15.76 7.62 13.50
C HIS B 53 16.10 6.55 12.49
N HIS B 54 16.05 6.94 11.22
CA HIS B 54 16.42 6.06 10.12
C HIS B 54 17.41 6.85 9.27
N GLN B 55 18.68 6.46 9.32
CA GLN B 55 19.72 7.12 8.54
C GLN B 55 20.03 6.26 7.32
N ILE B 56 19.88 6.85 6.13
CA ILE B 56 20.21 6.19 4.89
C ILE B 56 21.49 6.83 4.38
N SER B 57 22.47 6.01 4.02
CA SER B 57 23.71 6.55 3.49
C SER B 57 24.15 5.77 2.26
N VAL B 58 24.62 6.50 1.26
CA VAL B 58 25.23 5.89 0.08
C VAL B 58 26.58 6.58 -0.11
N PRO B 59 27.66 6.07 0.50
CA PRO B 59 28.93 6.81 0.47
C PRO B 59 29.44 7.14 -0.92
N ASP B 60 29.24 6.25 -1.90
CA ASP B 60 29.72 6.53 -3.25
C ASP B 60 29.10 7.79 -3.83
N LYS B 61 27.86 8.08 -3.47
CA LYS B 61 27.16 9.26 -3.94
C LYS B 61 27.22 10.42 -2.95
N ASN B 62 28.06 10.31 -1.92
CA ASN B 62 28.15 11.34 -0.87
C ASN B 62 26.78 11.64 -0.27
N TYR B 63 25.92 10.63 -0.19
CA TYR B 63 24.54 10.83 0.23
C TYR B 63 24.34 10.36 1.66
N LYS B 64 23.69 11.19 2.47
CA LYS B 64 23.35 10.83 3.83
C LYS B 64 22.09 11.59 4.20
N ASN B 65 21.07 10.87 4.65
CA ASN B 65 19.82 11.50 5.06
C ASN B 65 19.32 10.86 6.34
N ASP B 66 18.95 11.70 7.31
CA ASP B 66 18.47 11.26 8.60
C ASP B 66 16.98 11.54 8.67
N VAL B 67 16.19 10.48 8.77
CA VAL B 67 14.73 10.56 8.84
C VAL B 67 14.30 10.30 10.28
N ASN B 68 13.52 11.22 10.83
N ASN B 68 13.48 11.20 10.81
CA ASN B 68 12.90 11.04 12.13
CA ASN B 68 12.87 11.08 12.13
C ASN B 68 11.48 10.52 11.93
C ASN B 68 11.45 10.54 11.94
N PHE B 69 11.12 9.45 12.64
CA PHE B 69 9.77 8.92 12.53
C PHE B 69 9.20 8.45 13.85
N LYS B 70 7.89 8.64 14.00
CA LYS B 70 7.10 7.96 15.00
C LYS B 70 6.19 6.99 14.26
N LEU B 71 6.07 5.77 14.78
CA LEU B 71 5.21 4.80 14.12
C LEU B 71 3.79 5.34 14.01
N ASN B 72 3.21 5.19 12.81
N ASN B 72 3.19 5.15 12.83
CA ASN B 72 1.83 5.55 12.48
CA ASN B 72 1.82 5.56 12.52
C ASN B 72 1.62 7.05 12.30
C ASN B 72 1.61 7.07 12.54
N GLU B 73 2.67 7.87 12.39
CA GLU B 73 2.55 9.33 12.29
C GLU B 73 3.24 9.82 11.02
N GLU B 74 2.53 10.63 10.25
CA GLU B 74 3.11 11.17 9.03
C GLU B 74 4.27 12.11 9.36
N GLY B 75 5.36 11.97 8.58
CA GLY B 75 6.46 12.90 8.63
C GLY B 75 6.77 13.42 7.22
N THR B 76 7.70 14.39 7.19
CA THR B 76 8.11 15.02 5.95
C THR B 76 9.63 15.10 5.89
N THR B 77 10.18 14.86 4.70
CA THR B 77 11.60 15.12 4.45
C THR B 77 11.73 15.72 3.05
N GLN B 78 12.99 15.93 2.63
CA GLN B 78 13.27 16.53 1.33
C GLN B 78 14.45 15.80 0.69
N HIS B 79 14.40 15.66 -0.63
CA HIS B 79 15.55 15.31 -1.45
C HIS B 79 15.50 16.23 -2.66
N ASN B 80 16.64 16.79 -3.03
CA ASN B 80 16.62 17.97 -3.92
C ASN B 80 15.80 19.03 -3.18
N ASN B 81 14.95 19.79 -3.88
CA ASN B 81 13.91 20.59 -3.24
C ASN B 81 12.54 19.97 -3.46
N THR B 82 12.47 18.64 -3.41
CA THR B 82 11.23 17.91 -3.59
C THR B 82 10.78 17.36 -2.25
N GLU B 83 9.55 17.67 -1.86
CA GLU B 83 9.00 17.20 -0.61
C GLU B 83 8.61 15.73 -0.69
N ILE B 84 8.97 14.99 0.35
CA ILE B 84 8.66 13.57 0.48
C ILE B 84 7.87 13.40 1.77
N LYS B 85 6.68 12.81 1.67
CA LYS B 85 5.87 12.50 2.83
C LYS B 85 6.01 11.03 3.14
N TYR B 86 6.06 10.67 4.42
CA TYR B 86 6.22 9.27 4.76
C TYR B 86 5.43 8.92 6.02
N LYS B 87 5.14 7.63 6.14
CA LYS B 87 4.59 7.09 7.38
C LYS B 87 5.11 5.68 7.55
N TYR B 88 5.80 5.42 8.67
CA TYR B 88 6.26 4.09 8.98
C TYR B 88 5.23 3.40 9.87
N THR B 89 4.99 2.13 9.60
CA THR B 89 4.10 1.32 10.43
C THR B 89 4.73 -0.05 10.61
N GLU B 90 4.21 -0.79 11.59
CA GLU B 90 4.51 -2.21 11.72
C GLU B 90 3.30 -3.00 11.27
N ASP B 91 3.52 -3.95 10.37
CA ASP B 91 2.43 -4.73 9.78
C ASP B 91 2.90 -6.16 9.67
N GLY B 92 2.19 -7.08 10.30
CA GLY B 92 2.57 -8.48 10.24
C GLY B 92 3.96 -8.74 10.75
N GLY B 93 4.46 -7.91 11.67
CA GLY B 93 5.78 -8.07 12.22
C GLY B 93 6.88 -7.37 11.45
N ASN B 94 6.56 -6.78 10.31
CA ASN B 94 7.55 -6.13 9.46
C ASN B 94 7.38 -4.62 9.54
N LEU B 95 8.51 -3.92 9.46
CA LEU B 95 8.48 -2.48 9.29
C LEU B 95 8.08 -2.15 7.85
N LYS B 96 7.13 -1.24 7.68
CA LYS B 96 6.72 -0.76 6.37
C LYS B 96 6.86 0.75 6.33
N ALA B 97 7.23 1.28 5.17
CA ALA B 97 7.23 2.71 4.93
C ALA B 97 6.29 3.03 3.78
N GLU B 98 5.35 3.92 4.02
CA GLU B 98 4.46 4.46 3.00
C GLU B 98 5.08 5.80 2.58
N VAL B 99 5.53 5.90 1.34
CA VAL B 99 6.32 7.06 0.89
C VAL B 99 5.60 7.71 -0.29
N HIS B 100 5.21 8.97 -0.14
CA HIS B 100 4.53 9.70 -1.19
C HIS B 100 5.35 10.91 -1.63
N VAL B 101 5.41 11.10 -2.94
CA VAL B 101 6.07 12.26 -3.51
C VAL B 101 4.99 12.97 -4.31
N PRO B 102 4.19 13.82 -3.66
CA PRO B 102 3.00 14.36 -4.33
C PRO B 102 3.33 15.17 -5.56
N SER B 103 4.45 15.89 -5.56
CA SER B 103 4.78 16.71 -6.71
C SER B 103 5.17 15.88 -7.92
N ARG B 104 5.40 14.58 -7.73
CA ARG B 104 5.71 13.68 -8.83
C ARG B 104 4.65 12.61 -9.02
N ASN B 105 3.53 12.71 -8.30
N ASN B 105 3.59 12.61 -8.21
CA ASN B 105 2.50 11.67 -8.20
CA ASN B 105 2.51 11.64 -8.37
C ASN B 105 3.14 10.29 -8.20
C ASN B 105 2.93 10.21 -7.97
N LYS B 106 4.03 10.08 -7.22
CA LYS B 106 4.67 8.78 -6.99
C LYS B 106 4.36 8.27 -5.60
N VAL B 107 3.90 7.02 -5.52
CA VAL B 107 3.68 6.32 -4.25
C VAL B 107 4.61 5.11 -4.21
N ILE B 108 5.42 5.04 -3.16
CA ILE B 108 6.35 3.94 -2.97
C ILE B 108 5.95 3.18 -1.72
N HIS B 109 5.89 1.87 -1.82
CA HIS B 109 5.66 1.00 -0.66
C HIS B 109 6.96 0.26 -0.39
N ASP B 110 7.56 0.50 0.77
CA ASP B 110 8.75 -0.23 1.18
C ASP B 110 8.40 -1.15 2.35
N GLU B 111 9.04 -2.32 2.37
CA GLU B 111 8.82 -3.28 3.44
C GLU B 111 10.14 -3.92 3.85
N TYR B 112 10.33 -4.08 5.15
N TYR B 112 10.34 -4.01 5.17
CA TYR B 112 11.58 -4.61 5.72
CA TYR B 112 11.50 -4.64 5.77
C TYR B 112 11.28 -5.93 6.41
C TYR B 112 11.09 -6.00 6.27
N LYS B 113 11.84 -7.03 5.89
CA LYS B 113 11.59 -8.38 6.38
C LYS B 113 12.89 -8.92 6.95
N VAL B 114 12.89 -9.21 8.25
CA VAL B 114 14.11 -9.64 8.93
C VAL B 114 14.11 -11.15 9.08
N ASN B 115 15.26 -11.75 8.79
CA ASN B 115 15.50 -13.17 9.09
C ASN B 115 16.89 -13.26 9.72
N GLY B 116 16.94 -13.24 11.04
CA GLY B 116 18.23 -13.29 11.72
C GLY B 116 19.02 -12.02 11.44
N ASP B 117 20.27 -12.19 11.00
N ASP B 117 20.25 -12.19 10.96
CA ASP B 117 21.14 -11.07 10.69
CA ASP B 117 21.06 -11.06 10.53
C ASP B 117 21.05 -10.63 9.23
C ASP B 117 20.84 -10.68 9.08
N GLU B 118 19.99 -11.03 8.53
N GLU B 118 19.81 -11.23 8.44
CA GLU B 118 19.76 -10.62 7.15
CA GLU B 118 19.44 -10.88 7.07
C GLU B 118 18.43 -9.88 7.07
C GLU B 118 18.27 -9.92 7.10
N LEU B 119 18.38 -8.88 6.19
N LEU B 119 18.33 -8.89 6.25
CA LEU B 119 17.18 -8.07 6.02
CA LEU B 119 17.21 -8.01 5.98
C LEU B 119 16.87 -7.98 4.53
C LEU B 119 16.90 -8.09 4.50
N GLU B 120 15.65 -8.37 4.15
CA GLU B 120 15.18 -8.30 2.77
C GLU B 120 14.27 -7.10 2.69
N LYS B 121 14.65 -6.12 1.87
N LYS B 121 14.61 -6.14 1.84
CA LYS B 121 13.83 -4.93 1.66
CA LYS B 121 13.77 -4.98 1.60
C LYS B 121 13.13 -5.07 0.31
C LYS B 121 13.07 -5.13 0.26
N THR B 122 11.82 -4.84 0.30
N THR B 122 11.75 -4.95 0.25
CA THR B 122 11.05 -4.83 -0.93
CA THR B 122 11.00 -4.87 -0.99
C THR B 122 10.62 -3.41 -1.22
C THR B 122 10.59 -3.43 -1.24
N TYR B 123 10.69 -3.02 -2.50
CA TYR B 123 10.35 -1.67 -2.95
C TYR B 123 9.31 -1.83 -4.05
N LYS B 124 8.20 -1.11 -3.94
CA LYS B 124 7.12 -1.23 -4.92
C LYS B 124 6.67 0.16 -5.34
N VAL B 125 6.58 0.38 -6.65
CA VAL B 125 5.96 1.59 -7.18
C VAL B 125 5.11 1.17 -8.37
N GLY B 126 3.83 1.54 -8.35
CA GLY B 126 2.96 1.09 -9.42
C GLY B 126 2.96 -0.43 -9.49
N ASP B 127 3.19 -0.98 -10.69
CA ASP B 127 3.28 -2.42 -10.86
C ASP B 127 4.71 -2.95 -10.87
N VAL B 128 5.67 -2.17 -10.39
CA VAL B 128 7.06 -2.59 -10.37
C VAL B 128 7.46 -2.97 -8.94
N THR B 129 8.07 -4.15 -8.78
CA THR B 129 8.59 -4.60 -7.50
C THR B 129 10.08 -4.86 -7.63
N ALA B 130 10.85 -4.37 -6.67
CA ALA B 130 12.28 -4.65 -6.58
C ALA B 130 12.59 -5.14 -5.17
N LYS B 131 13.73 -5.82 -5.04
CA LYS B 131 14.19 -6.28 -3.73
C LYS B 131 15.68 -6.06 -3.60
N ARG B 132 16.11 -5.75 -2.38
CA ARG B 132 17.52 -5.72 -2.07
C ARG B 132 17.72 -6.41 -0.73
N TRP B 133 18.85 -7.10 -0.59
CA TRP B 133 19.16 -7.81 0.64
C TRP B 133 20.31 -7.13 1.37
N TYR B 134 20.20 -7.07 2.68
CA TYR B 134 21.15 -6.41 3.57
C TYR B 134 21.59 -7.39 4.63
N LYS B 135 22.78 -7.15 5.17
CA LYS B 135 23.30 -7.93 6.28
C LYS B 135 23.63 -6.97 7.42
N LYS B 136 23.54 -7.48 8.66
CA LYS B 136 23.99 -6.69 9.80
C LYS B 136 25.47 -6.37 9.65
N SER B 137 25.82 -5.10 9.84
CA SER B 137 27.22 -4.70 9.72
C SER B 137 27.78 -4.30 11.09
#